data_5CIZ
#
_entry.id   5CIZ
#
_cell.length_a   176.312
_cell.length_b   176.312
_cell.length_c   158.493
_cell.angle_alpha   90.00
_cell.angle_beta   90.00
_cell.angle_gamma   120.00
#
_symmetry.space_group_name_H-M   'P 62 2 2'
#
loop_
_entity.id
_entity.type
_entity.pdbx_description
1 polymer 'cAMP-activated global transcriptional regulator CRP'
2 polymer 'DNA-directed RNA polymerase subunit alpha'
3 polymer "DNA (5'-D(*CP*TP*TP*TP*TP*TP*GP*CP*CP*TP*AP*AP*AP*AP*TP*GP*TP*GP*AP*T)-3')"
4 polymer "DNA (5'-D(*CP*TP*AP*GP*AP*TP*CP*AP*CP*AP*TP*TP*TP*TP*AP*GP*GP*CP*AP*AP*AP*AP*AP*G)-3')"
5 non-polymer "ADENOSINE-3',5'-CYCLIC-MONOPHOSPHATE"
#
loop_
_entity_poly.entity_id
_entity_poly.type
_entity_poly.pdbx_seq_one_letter_code
_entity_poly.pdbx_strand_id
1 'polypeptide(L)'
;VLGKPQTDPTLEWFLSHCHIHKYPSKSTLIHQGEKAETLYYIVKGSVAVLIKDEEGKEMILSYLNQGDFIGELGLFEEGQ
ERSAWVRAKTACEVAEISYKKFRQLIQVNPDILMRLSAQMARRLQVTSEKVGNLAFLDVTGRIAQTLLNLAKQPDAMTHP
DGMQIKITRQEIGQIVGCSRETVGRILKMLEDQNLISAHGKTIVVYGTR
;
A
2 'polypeptide(L)'
;KPEFDPILLRPVDDLELTVRSANCLKAEAIHYIGDLVQRTEVELLKTPNLGKKSLTEIKDVLASRGLSLGMRLENWPPAS
IADE
;
B
3 'polydeoxyribonucleotide' (DC)(DT)(DT)(DT)(DT)(DT)(DG)(DC)(DC)(DT)(DA)(DA)(DA)(DA)(DT)(DG)(DT)(DG)(DA)(DT) D
4 'polydeoxyribonucleotide'
;(DC)(DT)(DA)(DG)(DA)(DT)(DC)(DA)(DC)(DA)(DT)(DT)(DT)(DT)(DA)(DG)(DG)(DC)(DA)(DA)
(DA)(DA)(DA)(DG)
;
E
#
loop_
_chem_comp.id
_chem_comp.type
_chem_comp.name
_chem_comp.formula
CMP non-polymer ADENOSINE-3',5'-CYCLIC-MONOPHOSPHATE 'C10 H12 N5 O6 P'
DA DNA linking 2'-DEOXYADENOSINE-5'-MONOPHOSPHATE 'C10 H14 N5 O6 P'
DC DNA linking 2'-DEOXYCYTIDINE-5'-MONOPHOSPHATE 'C9 H14 N3 O7 P'
DG DNA linking 2'-DEOXYGUANOSINE-5'-MONOPHOSPHATE 'C10 H14 N5 O7 P'
DT DNA linking THYMIDINE-5'-MONOPHOSPHATE 'C10 H15 N2 O8 P'
#
# COMPACT_ATOMS: atom_id res chain seq x y z
N THR A 7 6.20 2.69 -20.65
CA THR A 7 4.90 2.67 -21.31
C THR A 7 4.26 1.27 -21.24
N ASP A 8 2.95 1.22 -20.95
CA ASP A 8 2.23 -0.07 -20.87
C ASP A 8 0.86 -0.01 -21.59
N PRO A 9 0.81 -0.52 -22.84
CA PRO A 9 -0.24 -0.48 -23.87
C PRO A 9 -1.55 -1.12 -23.47
N THR A 10 -1.52 -2.27 -22.82
CA THR A 10 -2.76 -2.98 -22.53
C THR A 10 -3.60 -2.14 -21.57
N LEU A 11 -3.01 -1.73 -20.44
CA LEU A 11 -3.69 -0.86 -19.47
C LEU A 11 -4.01 0.50 -20.10
N GLU A 12 -3.07 1.01 -20.90
CA GLU A 12 -3.27 2.29 -21.56
C GLU A 12 -4.52 2.29 -22.45
N TRP A 13 -4.71 1.22 -23.23
CA TRP A 13 -5.90 1.08 -24.08
C TRP A 13 -7.15 0.96 -23.25
N PHE A 14 -7.07 0.19 -22.17
CA PHE A 14 -8.20 0.00 -21.27
C PHE A 14 -8.74 1.35 -20.82
N LEU A 15 -7.83 2.17 -20.30
CA LEU A 15 -8.17 3.48 -19.80
C LEU A 15 -8.82 4.36 -20.84
N SER A 16 -8.40 4.22 -22.10
CA SER A 16 -8.93 5.08 -23.14
C SER A 16 -10.43 4.87 -23.31
N HIS A 17 -10.98 3.91 -22.57
CA HIS A 17 -12.41 3.65 -22.55
C HIS A 17 -13.10 3.92 -21.21
N CYS A 18 -12.46 4.64 -20.28
CA CYS A 18 -13.09 4.93 -18.96
C CYS A 18 -13.45 6.43 -18.59
N HIS A 19 -14.41 6.61 -17.67
CA HIS A 19 -14.70 7.92 -17.06
C HIS A 19 -13.89 8.06 -15.79
N ILE A 20 -13.11 9.14 -15.70
CA ILE A 20 -12.31 9.40 -14.52
C ILE A 20 -13.03 10.31 -13.48
N HIS A 21 -12.97 9.94 -12.21
CA HIS A 21 -13.70 10.65 -11.17
C HIS A 21 -12.84 10.71 -9.91
N LYS A 22 -12.72 11.87 -9.28
CA LYS A 22 -11.92 11.97 -8.07
C LYS A 22 -12.78 11.74 -6.82
N TYR A 23 -12.31 10.90 -5.90
CA TYR A 23 -13.00 10.69 -4.63
C TYR A 23 -12.19 11.28 -3.48
N PRO A 24 -12.82 12.15 -2.70
CA PRO A 24 -12.15 12.77 -1.56
C PRO A 24 -11.85 11.71 -0.55
N SER A 25 -10.80 11.90 0.23
CA SER A 25 -10.52 10.96 1.32
C SER A 25 -11.73 10.65 2.18
N LYS A 26 -11.83 9.38 2.56
CA LYS A 26 -12.82 8.90 3.52
C LYS A 26 -14.21 8.92 2.93
N SER A 27 -14.30 9.28 1.65
CA SER A 27 -15.59 9.27 0.99
C SER A 27 -15.84 7.82 0.63
N THR A 28 -17.12 7.47 0.52
CA THR A 28 -17.51 6.09 0.27
C THR A 28 -17.69 5.83 -1.23
N LEU A 29 -16.89 4.91 -1.78
CA LEU A 29 -17.01 4.54 -3.20
C LEU A 29 -18.06 3.48 -3.47
N ILE A 30 -18.20 2.48 -2.60
CA ILE A 30 -19.20 1.44 -2.83
C ILE A 30 -19.96 1.10 -1.55
N HIS A 31 -21.29 1.11 -1.65
CA HIS A 31 -22.10 0.77 -0.50
C HIS A 31 -22.53 -0.64 -0.67
N GLN A 32 -22.20 -1.43 0.33
CA GLN A 32 -22.58 -2.82 0.43
C GLN A 32 -24.07 -2.92 0.14
N GLY A 33 -24.50 -3.84 -0.71
CA GLY A 33 -25.93 -4.00 -0.94
C GLY A 33 -26.50 -3.36 -2.20
N GLU A 34 -25.90 -2.26 -2.65
CA GLU A 34 -26.40 -1.55 -3.82
C GLU A 34 -26.44 -2.43 -5.04
N LYS A 35 -27.22 -2.02 -6.03
CA LYS A 35 -27.19 -2.75 -7.29
C LYS A 35 -25.80 -2.54 -7.90
N ALA A 36 -25.33 -3.58 -8.58
CA ALA A 36 -24.02 -3.61 -9.21
C ALA A 36 -24.09 -3.63 -10.74
N GLU A 37 -23.57 -2.59 -11.35
CA GLU A 37 -23.63 -2.51 -12.79
C GLU A 37 -22.32 -1.96 -13.31
N THR A 38 -21.40 -1.64 -12.41
CA THR A 38 -20.22 -0.92 -12.81
C THR A 38 -18.87 -1.40 -12.26
N LEU A 39 -17.79 -1.31 -13.02
CA LEU A 39 -16.46 -1.68 -12.49
C LEU A 39 -15.54 -0.47 -12.30
N TYR A 40 -14.78 -0.47 -11.20
CA TYR A 40 -13.85 0.63 -10.91
C TYR A 40 -12.38 0.15 -10.91
N TYR A 41 -11.45 1.09 -11.17
CA TYR A 41 -9.99 0.82 -11.23
C TYR A 41 -9.14 1.90 -10.59
N ILE A 42 -8.29 1.52 -9.64
CA ILE A 42 -7.56 2.49 -8.85
C ILE A 42 -6.40 3.10 -9.59
N VAL A 43 -6.59 4.32 -10.06
CA VAL A 43 -5.51 5.00 -10.75
C VAL A 43 -4.47 5.57 -9.81
N LYS A 44 -4.92 6.15 -8.72
CA LYS A 44 -3.96 6.66 -7.78
C LYS A 44 -4.60 6.63 -6.40
N GLY A 45 -3.82 6.32 -5.37
CA GLY A 45 -4.35 6.29 -4.01
C GLY A 45 -4.40 4.92 -3.35
N SER A 46 -5.19 4.85 -2.28
CA SER A 46 -5.44 3.59 -1.57
C SER A 46 -6.82 3.67 -0.92
N VAL A 47 -7.53 2.53 -0.90
CA VAL A 47 -8.90 2.46 -0.41
C VAL A 47 -9.02 1.38 0.65
N ALA A 48 -10.14 1.37 1.36
CA ALA A 48 -10.37 0.35 2.36
C ALA A 48 -11.56 -0.53 2.08
N VAL A 49 -11.33 -1.83 2.03
CA VAL A 49 -12.42 -2.77 1.85
C VAL A 49 -12.97 -3.24 3.20
N LEU A 50 -14.19 -2.87 3.58
CA LEU A 50 -14.76 -3.34 4.87
C LEU A 50 -16.21 -3.81 4.76
N ILE A 51 -16.68 -4.56 5.77
CA ILE A 51 -18.06 -5.05 5.86
C ILE A 51 -18.68 -4.69 7.22
N LYS A 52 -20.00 -4.78 7.37
CA LYS A 52 -20.61 -4.39 8.64
C LYS A 52 -21.68 -5.37 9.10
N ASP A 53 -21.79 -5.56 10.41
CA ASP A 53 -22.88 -6.34 11.00
C ASP A 53 -24.07 -5.42 11.22
N GLU A 54 -25.19 -5.99 11.67
CA GLU A 54 -26.43 -5.26 11.88
C GLU A 54 -26.23 -4.03 12.77
N GLU A 55 -25.51 -4.22 13.87
CA GLU A 55 -25.21 -3.17 14.84
C GLU A 55 -24.31 -2.04 14.36
N GLY A 56 -23.53 -2.31 13.33
CA GLY A 56 -22.65 -1.28 12.83
C GLY A 56 -21.18 -1.56 13.13
N LYS A 57 -20.84 -2.64 13.81
CA LYS A 57 -19.44 -2.95 14.04
C LYS A 57 -18.76 -3.18 12.68
N GLU A 58 -17.57 -2.62 12.48
CA GLU A 58 -16.88 -2.68 11.19
C GLU A 58 -15.73 -3.69 11.14
N MET A 59 -15.34 -4.11 9.93
CA MET A 59 -14.25 -5.09 9.71
C MET A 59 -13.50 -4.97 8.36
N ILE A 60 -12.18 -4.73 8.39
CA ILE A 60 -11.37 -4.52 7.17
C ILE A 60 -10.83 -5.77 6.43
N LEU A 61 -11.37 -6.10 5.25
CA LEU A 61 -10.85 -7.24 4.47
C LEU A 61 -9.44 -7.03 3.88
N SER A 62 -9.15 -5.89 3.29
CA SER A 62 -7.84 -5.67 2.61
C SER A 62 -7.81 -4.21 2.08
N TYR A 63 -6.61 -3.66 1.95
CA TYR A 63 -6.41 -2.35 1.32
C TYR A 63 -6.01 -2.59 -0.12
N LEU A 64 -6.52 -1.76 -1.03
CA LEU A 64 -6.08 -1.85 -2.42
C LEU A 64 -5.39 -0.58 -2.82
N ASN A 65 -4.44 -0.67 -3.75
CA ASN A 65 -3.58 0.47 -4.03
C ASN A 65 -3.57 0.80 -5.50
N GLN A 66 -2.74 1.75 -5.92
CA GLN A 66 -2.68 2.00 -7.35
C GLN A 66 -2.41 0.70 -8.09
N GLY A 67 -3.18 0.46 -9.14
CA GLY A 67 -3.07 -0.73 -9.94
C GLY A 67 -4.18 -1.74 -9.65
N ASP A 68 -4.73 -1.76 -8.43
CA ASP A 68 -5.74 -2.76 -8.06
C ASP A 68 -7.15 -2.46 -8.59
N PHE A 69 -7.89 -3.49 -9.01
CA PHE A 69 -9.34 -3.35 -9.34
C PHE A 69 -10.33 -3.38 -8.18
N ILE A 70 -11.44 -2.63 -8.31
CA ILE A 70 -12.56 -2.77 -7.37
C ILE A 70 -13.95 -2.84 -8.03
N GLY A 71 -14.89 -3.39 -7.25
CA GLY A 71 -16.30 -3.56 -7.60
C GLY A 71 -16.62 -4.49 -8.76
N GLU A 72 -16.00 -5.65 -8.75
CA GLU A 72 -16.15 -6.60 -9.83
C GLU A 72 -17.17 -7.76 -9.66
N LEU A 73 -17.54 -8.08 -8.42
CA LEU A 73 -18.13 -9.39 -8.13
C LEU A 73 -19.48 -9.66 -8.79
N GLY A 74 -20.16 -8.59 -9.16
CA GLY A 74 -21.45 -8.68 -9.80
C GLY A 74 -21.36 -8.85 -11.29
N LEU A 75 -20.14 -8.85 -11.80
CA LEU A 75 -19.95 -8.78 -13.22
C LEU A 75 -20.23 -10.13 -13.88
N PHE A 76 -20.38 -11.16 -13.08
CA PHE A 76 -20.55 -12.47 -13.70
C PHE A 76 -21.98 -13.02 -13.63
N GLU A 77 -22.73 -12.66 -12.59
CA GLU A 77 -24.13 -13.03 -12.58
C GLU A 77 -24.93 -11.74 -12.53
N GLU A 78 -26.08 -11.76 -13.17
CA GLU A 78 -26.85 -10.54 -13.32
C GLU A 78 -27.62 -10.07 -12.11
N GLY A 79 -27.60 -8.76 -11.91
CA GLY A 79 -28.40 -8.13 -10.89
C GLY A 79 -27.88 -8.52 -9.54
N GLN A 80 -26.57 -8.59 -9.45
CA GLN A 80 -26.01 -8.93 -8.19
C GLN A 80 -25.84 -7.66 -7.41
N GLU A 81 -25.69 -7.84 -6.11
CA GLU A 81 -25.58 -6.72 -5.22
C GLU A 81 -24.16 -6.66 -4.66
N ARG A 82 -23.65 -5.45 -4.56
CA ARG A 82 -22.36 -5.11 -3.93
C ARG A 82 -22.07 -5.87 -2.61
N SER A 83 -20.90 -6.52 -2.49
CA SER A 83 -20.64 -7.37 -1.31
C SER A 83 -20.00 -6.74 -0.08
N ALA A 84 -19.53 -5.51 -0.18
CA ALA A 84 -18.85 -4.86 0.96
C ALA A 84 -18.65 -3.37 0.76
N TRP A 85 -18.47 -2.60 1.84
CA TRP A 85 -18.03 -1.23 1.62
C TRP A 85 -16.63 -1.18 1.06
N VAL A 86 -16.48 -0.23 0.14
CA VAL A 86 -15.19 0.16 -0.34
C VAL A 86 -15.10 1.67 -0.15
N ARG A 87 -14.15 2.09 0.67
CA ARG A 87 -14.05 3.48 1.08
C ARG A 87 -12.66 4.02 0.89
N ALA A 88 -12.60 5.27 0.45
CA ALA A 88 -11.34 5.89 0.14
C ALA A 88 -10.48 6.13 1.37
N LYS A 89 -9.31 5.47 1.43
CA LYS A 89 -8.34 5.63 2.54
C LYS A 89 -7.65 6.99 2.43
N THR A 90 -6.98 7.25 1.29
CA THR A 90 -6.51 8.58 0.91
C THR A 90 -7.51 9.22 0.00
N ALA A 91 -7.10 10.27 -0.70
CA ALA A 91 -7.91 10.78 -1.78
C ALA A 91 -7.53 9.97 -3.02
N CYS A 92 -8.53 9.56 -3.78
CA CYS A 92 -8.32 8.67 -4.90
C CYS A 92 -8.77 9.26 -6.22
N GLU A 93 -8.06 8.91 -7.27
CA GLU A 93 -8.54 9.17 -8.60
C GLU A 93 -8.86 7.84 -9.24
N VAL A 94 -10.10 7.73 -9.69
CA VAL A 94 -10.67 6.44 -10.07
C VAL A 94 -11.24 6.34 -11.47
N ALA A 95 -10.80 5.30 -12.16
CA ALA A 95 -11.34 4.90 -13.44
C ALA A 95 -12.64 4.15 -13.26
N GLU A 96 -13.61 4.44 -14.10
CA GLU A 96 -14.88 3.76 -13.97
C GLU A 96 -15.25 3.15 -15.32
N ILE A 97 -15.81 1.93 -15.32
CA ILE A 97 -16.37 1.34 -16.56
C ILE A 97 -17.45 0.27 -16.28
N SER A 98 -18.48 0.36 -17.10
CA SER A 98 -19.67 -0.43 -17.03
C SER A 98 -19.54 -1.88 -17.35
N TYR A 99 -20.35 -2.68 -16.67
CA TYR A 99 -20.50 -4.10 -16.93
C TYR A 99 -20.75 -4.33 -18.42
N LYS A 100 -21.73 -3.60 -18.98
CA LYS A 100 -22.06 -3.69 -20.40
C LYS A 100 -20.84 -3.66 -21.31
N LYS A 101 -20.07 -2.60 -21.14
CA LYS A 101 -18.92 -2.28 -21.98
C LYS A 101 -17.63 -3.02 -21.69
N PHE A 102 -17.49 -3.52 -20.48
CA PHE A 102 -16.27 -4.21 -20.17
C PHE A 102 -16.30 -5.51 -20.93
N ARG A 103 -17.46 -6.15 -20.89
CA ARG A 103 -17.66 -7.36 -21.67
C ARG A 103 -17.36 -7.21 -23.15
N GLN A 104 -17.73 -6.08 -23.74
CA GLN A 104 -17.47 -5.90 -25.15
C GLN A 104 -15.96 -5.93 -25.36
N LEU A 105 -15.25 -5.36 -24.39
CA LEU A 105 -13.77 -5.33 -24.37
C LEU A 105 -13.07 -6.69 -24.28
N ILE A 106 -13.56 -7.59 -23.43
CA ILE A 106 -12.92 -8.88 -23.31
C ILE A 106 -12.63 -9.57 -24.63
N GLN A 107 -13.66 -9.65 -25.47
CA GLN A 107 -13.56 -10.33 -26.76
C GLN A 107 -12.78 -9.55 -27.80
N VAL A 108 -12.25 -8.42 -27.37
CA VAL A 108 -11.37 -7.59 -28.18
C VAL A 108 -9.92 -7.81 -27.75
N ASN A 109 -9.73 -8.05 -26.46
CA ASN A 109 -8.39 -8.31 -25.94
C ASN A 109 -8.55 -9.02 -24.60
N PRO A 110 -8.54 -10.35 -24.60
CA PRO A 110 -8.77 -11.09 -23.36
C PRO A 110 -7.64 -10.88 -22.38
N ASP A 111 -6.53 -10.31 -22.83
CA ASP A 111 -5.38 -10.11 -21.96
C ASP A 111 -5.88 -9.32 -20.78
N ILE A 112 -6.74 -8.35 -21.07
CA ILE A 112 -7.26 -7.51 -20.02
C ILE A 112 -8.08 -8.32 -19.00
N LEU A 113 -8.90 -9.28 -19.45
CA LEU A 113 -9.63 -10.09 -18.47
C LEU A 113 -8.65 -10.86 -17.61
N MET A 114 -7.57 -11.30 -18.23
CA MET A 114 -6.51 -11.97 -17.49
C MET A 114 -5.98 -11.14 -16.33
N ARG A 115 -5.65 -9.88 -16.59
CA ARG A 115 -5.08 -9.04 -15.54
C ARG A 115 -6.02 -8.92 -14.33
N LEU A 116 -7.32 -8.83 -14.58
CA LEU A 116 -8.29 -8.79 -13.50
C LEU A 116 -8.26 -10.11 -12.80
N SER A 117 -8.26 -11.16 -13.59
CA SER A 117 -8.39 -12.46 -13.03
C SER A 117 -7.18 -12.84 -12.19
N ALA A 118 -6.01 -12.41 -12.65
CA ALA A 118 -4.77 -12.59 -11.92
C ALA A 118 -4.96 -12.07 -10.52
N GLN A 119 -5.47 -10.85 -10.43
CA GLN A 119 -5.69 -10.21 -9.16
C GLN A 119 -6.76 -10.91 -8.36
N MET A 120 -7.71 -11.52 -9.05
CA MET A 120 -8.73 -12.19 -8.30
C MET A 120 -8.13 -13.28 -7.49
N ALA A 121 -7.40 -14.15 -8.16
CA ALA A 121 -6.78 -15.27 -7.48
C ALA A 121 -5.97 -14.90 -6.24
N ARG A 122 -5.02 -13.95 -6.39
CA ARG A 122 -4.17 -13.52 -5.29
C ARG A 122 -5.09 -13.17 -4.13
N ARG A 123 -6.15 -12.41 -4.40
CA ARG A 123 -7.08 -12.00 -3.34
C ARG A 123 -7.74 -13.16 -2.62
N LEU A 124 -8.03 -14.23 -3.33
CA LEU A 124 -8.58 -15.37 -2.62
C LEU A 124 -7.52 -15.92 -1.64
N GLN A 125 -6.26 -15.97 -2.08
CA GLN A 125 -5.18 -16.47 -1.20
C GLN A 125 -5.07 -15.66 0.09
N VAL A 126 -5.07 -14.34 -0.02
CA VAL A 126 -4.99 -13.48 1.15
C VAL A 126 -6.14 -13.70 2.06
N THR A 127 -7.30 -13.74 1.45
CA THR A 127 -8.52 -13.82 2.21
C THR A 127 -8.66 -15.15 2.91
N SER A 128 -8.26 -16.20 2.20
CA SER A 128 -8.30 -17.52 2.75
C SER A 128 -7.42 -17.59 3.98
N GLU A 129 -6.26 -16.96 3.83
CA GLU A 129 -5.23 -16.95 4.85
C GLU A 129 -5.68 -16.27 6.13
N LYS A 130 -6.38 -15.17 5.93
CA LYS A 130 -6.92 -14.39 7.03
C LYS A 130 -7.86 -15.29 7.82
N VAL A 131 -8.56 -16.18 7.12
CA VAL A 131 -9.44 -17.12 7.79
C VAL A 131 -8.61 -17.99 8.71
N GLY A 132 -7.49 -18.44 8.16
CA GLY A 132 -6.55 -19.24 8.91
C GLY A 132 -6.04 -18.49 10.12
N ASN A 133 -5.73 -17.21 9.93
CA ASN A 133 -5.30 -16.38 11.03
C ASN A 133 -6.33 -16.51 12.16
N LEU A 134 -7.61 -16.39 11.79
CA LEU A 134 -8.72 -16.46 12.73
C LEU A 134 -9.01 -17.84 13.28
N ALA A 135 -8.81 -18.88 12.47
CA ALA A 135 -9.18 -20.20 12.93
C ALA A 135 -8.12 -20.81 13.84
N PHE A 136 -6.88 -20.37 13.64
CA PHE A 136 -5.76 -21.01 14.29
C PHE A 136 -5.03 -20.17 15.36
N LEU A 137 -4.88 -18.86 15.12
CA LEU A 137 -4.03 -18.02 15.99
C LEU A 137 -4.77 -17.32 17.11
N ASP A 138 -4.12 -17.16 18.27
CA ASP A 138 -4.71 -16.32 19.29
C ASP A 138 -4.62 -14.87 18.87
N VAL A 139 -5.25 -14.01 19.64
CA VAL A 139 -5.28 -12.63 19.29
C VAL A 139 -3.90 -12.01 19.34
N THR A 140 -3.10 -12.42 20.31
CA THR A 140 -1.77 -11.88 20.42
C THR A 140 -1.13 -12.25 19.08
N GLY A 141 -1.43 -13.45 18.60
CA GLY A 141 -0.90 -13.94 17.35
C GLY A 141 -1.34 -13.28 16.06
N ARG A 142 -2.64 -13.03 15.92
CA ARG A 142 -3.25 -12.47 14.70
C ARG A 142 -2.68 -11.11 14.43
N ILE A 143 -2.36 -10.43 15.52
CA ILE A 143 -1.78 -9.11 15.47
C ILE A 143 -0.43 -9.18 14.82
N ALA A 144 0.37 -10.11 15.31
CA ALA A 144 1.69 -10.32 14.78
C ALA A 144 1.71 -10.49 13.26
N GLN A 145 0.88 -11.38 12.73
CA GLN A 145 0.83 -11.61 11.28
C GLN A 145 0.57 -10.32 10.54
N THR A 146 -0.41 -9.58 11.06
CA THR A 146 -0.86 -8.36 10.44
C THR A 146 0.22 -7.26 10.49
N LEU A 147 1.03 -7.25 11.55
CA LEU A 147 2.13 -6.30 11.64
C LEU A 147 3.21 -6.49 10.57
N LEU A 148 3.42 -7.74 10.21
CA LEU A 148 4.38 -8.14 9.18
C LEU A 148 3.91 -7.84 7.76
N ASN A 149 2.60 -7.96 7.53
CA ASN A 149 1.95 -7.77 6.23
C ASN A 149 2.03 -6.33 5.81
N LEU A 150 2.16 -5.51 6.84
CA LEU A 150 2.21 -4.09 6.69
C LEU A 150 3.54 -3.60 6.24
N ALA A 151 4.58 -4.35 6.53
CA ALA A 151 5.88 -3.94 6.10
C ALA A 151 6.01 -4.28 4.63
N LYS A 152 5.00 -4.99 4.12
CA LYS A 152 4.96 -5.41 2.74
C LYS A 152 4.32 -4.32 1.87
N GLN A 153 3.36 -3.59 2.44
CA GLN A 153 2.70 -2.49 1.73
C GLN A 153 3.61 -1.41 1.12
N PRO A 154 3.08 -0.66 0.10
CA PRO A 154 3.80 0.41 -0.62
C PRO A 154 4.13 1.60 0.27
N ASP A 155 3.12 2.02 1.03
CA ASP A 155 3.17 3.20 1.87
C ASP A 155 4.04 2.98 3.11
N ALA A 156 4.57 1.77 3.24
CA ALA A 156 5.49 1.44 4.30
C ALA A 156 6.81 2.12 4.06
N MET A 157 7.38 2.64 5.14
CA MET A 157 8.65 3.37 5.11
C MET A 157 9.84 2.51 5.52
N THR A 158 10.96 2.65 4.83
CA THR A 158 12.18 1.98 5.32
C THR A 158 12.62 2.69 6.60
N HIS A 159 13.10 1.93 7.58
CA HIS A 159 13.47 2.48 8.88
C HIS A 159 14.62 1.61 9.35
N PRO A 160 15.60 2.21 10.05
CA PRO A 160 16.81 1.45 10.41
C PRO A 160 16.56 0.02 10.98
N ASP A 161 15.82 -0.10 12.07
CA ASP A 161 15.59 -1.40 12.73
C ASP A 161 14.69 -2.35 11.93
N GLY A 162 13.81 -1.78 11.10
CA GLY A 162 12.93 -2.53 10.24
C GLY A 162 11.94 -1.59 9.56
N MET A 163 10.86 -2.11 9.01
CA MET A 163 9.88 -1.26 8.31
C MET A 163 8.98 -0.44 9.29
N GLN A 164 8.80 0.86 9.03
CA GLN A 164 7.90 1.76 9.81
C GLN A 164 6.49 2.05 9.22
N ILE A 165 5.49 1.97 10.07
CA ILE A 165 4.11 2.17 9.64
C ILE A 165 3.34 3.16 10.50
N LYS A 166 2.30 3.79 9.92
CA LYS A 166 1.43 4.71 10.66
C LYS A 166 -0.04 4.20 10.67
N ILE A 167 -0.53 3.81 11.85
CA ILE A 167 -1.91 3.34 12.03
C ILE A 167 -2.37 3.44 13.48
N THR A 168 -3.68 3.51 13.64
CA THR A 168 -4.33 3.59 14.93
C THR A 168 -4.63 2.22 15.51
N ARG A 169 -4.77 2.14 16.83
CA ARG A 169 -5.21 0.89 17.48
C ARG A 169 -6.68 0.55 17.10
N GLN A 170 -7.53 1.58 17.05
CA GLN A 170 -8.96 1.44 16.76
C GLN A 170 -9.13 0.69 15.47
N GLU A 171 -8.32 1.06 14.48
CA GLU A 171 -8.34 0.45 13.16
C GLU A 171 -7.89 -0.99 13.18
N ILE A 172 -6.73 -1.23 13.79
CA ILE A 172 -6.15 -2.55 13.92
C ILE A 172 -7.22 -3.55 14.33
N GLY A 173 -8.06 -3.12 15.25
CA GLY A 173 -9.22 -3.87 15.68
C GLY A 173 -10.17 -4.25 14.55
N GLN A 174 -10.38 -3.34 13.59
CA GLN A 174 -11.28 -3.59 12.46
C GLN A 174 -10.60 -4.59 11.53
N ILE A 175 -9.29 -4.71 11.68
CA ILE A 175 -8.49 -5.66 10.92
C ILE A 175 -8.40 -7.05 11.57
N VAL A 176 -8.01 -7.08 12.85
CA VAL A 176 -7.79 -8.36 13.53
C VAL A 176 -8.97 -8.87 14.33
N GLY A 177 -10.03 -8.07 14.40
CA GLY A 177 -11.26 -8.51 15.03
C GLY A 177 -11.15 -8.67 16.54
N CYS A 178 -10.90 -7.56 17.20
CA CYS A 178 -10.88 -7.55 18.66
C CYS A 178 -11.10 -6.14 19.12
N SER A 179 -11.14 -5.97 20.43
CA SER A 179 -11.40 -4.66 20.98
C SER A 179 -10.16 -3.80 20.87
N ARG A 180 -10.39 -2.49 20.87
CA ARG A 180 -9.32 -1.51 20.72
C ARG A 180 -8.50 -1.49 21.99
N GLU A 181 -9.19 -1.73 23.09
CA GLU A 181 -8.57 -1.79 24.39
C GLU A 181 -7.52 -2.91 24.37
N THR A 182 -7.90 -4.02 23.73
CA THR A 182 -7.06 -5.20 23.65
C THR A 182 -5.83 -4.95 22.80
N VAL A 183 -6.00 -4.32 21.65
CA VAL A 183 -4.87 -4.02 20.75
C VAL A 183 -3.82 -3.17 21.44
N GLY A 184 -4.29 -2.30 22.32
CA GLY A 184 -3.40 -1.46 23.07
C GLY A 184 -2.59 -2.31 24.03
N ARG A 185 -3.26 -3.22 24.71
CA ARG A 185 -2.58 -4.01 25.72
C ARG A 185 -1.40 -4.80 25.13
N ILE A 186 -1.55 -5.40 23.95
CA ILE A 186 -0.49 -6.27 23.38
C ILE A 186 0.71 -5.46 22.95
N LEU A 187 0.42 -4.27 22.45
CA LEU A 187 1.44 -3.34 21.99
C LEU A 187 2.39 -2.87 23.10
N LYS A 188 1.92 -2.88 24.34
CA LYS A 188 2.75 -2.45 25.47
C LYS A 188 3.64 -3.68 25.83
N MET A 189 3.13 -4.89 25.56
CA MET A 189 3.84 -6.16 25.76
C MET A 189 4.89 -6.39 24.70
N LEU A 190 4.52 -6.13 23.45
CA LEU A 190 5.44 -6.25 22.32
C LEU A 190 6.56 -5.23 22.38
N GLU A 191 6.46 -4.34 23.36
CA GLU A 191 7.38 -3.25 23.47
C GLU A 191 8.40 -3.66 24.53
N ASP A 192 7.94 -4.39 25.55
CA ASP A 192 8.83 -4.97 26.56
C ASP A 192 9.68 -6.04 25.87
N GLN A 193 9.02 -6.81 25.00
CA GLN A 193 9.66 -7.88 24.25
C GLN A 193 10.54 -7.39 23.09
N ASN A 194 10.82 -6.09 23.06
CA ASN A 194 11.66 -5.48 22.01
C ASN A 194 11.43 -6.06 20.60
N LEU A 195 10.15 -6.15 20.22
CA LEU A 195 9.76 -6.58 18.89
C LEU A 195 9.37 -5.35 18.09
N ILE A 196 8.89 -4.34 18.80
CA ILE A 196 8.49 -3.07 18.21
C ILE A 196 8.79 -1.83 19.05
N SER A 197 8.71 -0.70 18.38
CA SER A 197 8.87 0.60 19.00
C SER A 197 7.58 1.35 18.69
N ALA A 198 6.81 1.62 19.72
CA ALA A 198 5.51 2.22 19.47
C ALA A 198 5.38 3.56 20.17
N HIS A 199 5.32 4.65 19.39
CA HIS A 199 5.11 5.98 19.95
C HIS A 199 4.17 6.73 19.04
N GLY A 200 2.88 6.73 19.43
CA GLY A 200 1.79 7.32 18.66
C GLY A 200 1.16 6.44 17.59
N LYS A 201 0.75 7.08 16.50
CA LYS A 201 0.31 6.34 15.34
C LYS A 201 1.60 5.84 14.70
N THR A 202 2.73 6.26 15.25
CA THR A 202 4.05 5.94 14.71
C THR A 202 4.65 4.62 15.28
N ILE A 203 4.90 3.63 14.42
CA ILE A 203 5.44 2.30 14.80
C ILE A 203 6.59 1.70 14.00
N VAL A 204 7.64 1.26 14.73
CA VAL A 204 8.77 0.54 14.16
C VAL A 204 8.71 -0.99 14.35
N VAL A 205 8.54 -1.69 13.23
CA VAL A 205 8.51 -3.16 13.18
C VAL A 205 9.91 -3.77 13.01
N TYR A 206 10.50 -4.15 14.14
CA TYR A 206 11.86 -4.64 14.13
C TYR A 206 12.05 -5.88 13.26
N GLY A 207 13.09 -5.87 12.45
CA GLY A 207 13.54 -7.08 11.80
C GLY A 207 12.89 -7.45 10.49
N THR A 208 12.10 -6.53 9.91
CA THR A 208 11.62 -6.71 8.53
C THR A 208 12.67 -6.01 7.69
N ARG A 209 12.39 -5.77 6.40
CA ARG A 209 13.33 -5.06 5.53
C ARG A 209 14.53 -5.94 5.16
N PHE B 4 29.14 -6.87 -7.37
CA PHE B 4 29.00 -5.42 -7.22
C PHE B 4 27.85 -4.95 -8.13
N ASP B 5 27.71 -3.64 -8.31
CA ASP B 5 26.74 -3.06 -9.27
C ASP B 5 27.23 -1.72 -9.87
N PRO B 6 26.84 -1.42 -11.12
CA PRO B 6 27.40 -0.26 -11.81
C PRO B 6 26.89 1.13 -11.42
N ILE B 7 25.59 1.28 -11.19
CA ILE B 7 25.08 2.62 -10.98
C ILE B 7 25.50 3.15 -9.60
N LEU B 8 25.75 2.23 -8.66
CA LEU B 8 26.10 2.56 -7.28
C LEU B 8 27.52 3.12 -7.06
N LEU B 9 28.27 3.30 -8.14
CA LEU B 9 29.61 3.83 -8.01
C LEU B 9 29.67 5.26 -8.54
N ARG B 10 28.58 5.69 -9.18
CA ARG B 10 28.38 7.06 -9.66
C ARG B 10 28.16 8.08 -8.53
N PRO B 11 28.62 9.35 -8.70
CA PRO B 11 28.36 10.47 -7.78
C PRO B 11 26.86 10.82 -7.65
N VAL B 12 26.46 11.54 -6.61
CA VAL B 12 25.05 11.91 -6.44
C VAL B 12 24.59 12.77 -7.60
N ASP B 13 25.56 13.38 -8.27
CA ASP B 13 25.31 14.34 -9.34
C ASP B 13 24.62 13.69 -10.54
N ASP B 14 24.87 12.41 -10.76
CA ASP B 14 24.27 11.67 -11.88
C ASP B 14 22.77 11.44 -11.77
N LEU B 15 22.17 11.91 -10.68
CA LEU B 15 20.73 11.79 -10.50
C LEU B 15 20.02 13.05 -11.02
N GLU B 16 20.81 14.10 -11.29
CA GLU B 16 20.30 15.41 -11.68
C GLU B 16 19.26 15.87 -10.68
N LEU B 17 19.67 16.20 -9.47
CA LEU B 17 18.69 16.67 -8.49
C LEU B 17 18.51 18.17 -8.55
N THR B 18 17.58 18.64 -7.74
CA THR B 18 17.35 20.05 -7.59
C THR B 18 18.42 20.56 -6.64
N VAL B 19 18.61 21.87 -6.63
CA VAL B 19 19.62 22.47 -5.76
C VAL B 19 19.34 22.14 -4.29
N ARG B 20 18.08 22.19 -3.89
CA ARG B 20 17.70 21.93 -2.50
C ARG B 20 18.03 20.49 -2.08
N SER B 21 17.69 19.52 -2.92
CA SER B 21 18.01 18.11 -2.63
C SER B 21 19.52 17.89 -2.69
N ALA B 22 20.16 18.42 -3.72
CA ALA B 22 21.60 18.32 -3.88
C ALA B 22 22.39 18.84 -2.66
N ASN B 23 21.95 19.97 -2.10
CA ASN B 23 22.66 20.61 -0.98
C ASN B 23 22.61 19.92 0.37
N CYS B 24 21.56 19.15 0.60
CA CYS B 24 21.44 18.39 1.83
C CYS B 24 22.29 17.12 1.72
N LEU B 25 22.24 16.46 0.57
CA LEU B 25 23.04 15.25 0.41
C LEU B 25 24.53 15.53 0.56
N LYS B 26 25.02 16.57 -0.10
CA LYS B 26 26.45 16.87 -0.08
C LYS B 26 26.92 17.40 1.28
N ALA B 27 25.98 17.75 2.15
CA ALA B 27 26.29 18.18 3.52
C ALA B 27 26.06 17.10 4.59
N GLU B 28 25.70 15.89 4.16
CA GLU B 28 25.50 14.75 5.05
C GLU B 28 26.52 13.64 4.83
N ALA B 29 27.48 13.92 3.97
CA ALA B 29 28.58 13.03 3.64
C ALA B 29 28.05 11.87 2.81
N ILE B 30 27.05 12.16 1.97
CA ILE B 30 26.51 11.19 1.02
C ILE B 30 27.04 11.58 -0.35
N HIS B 31 28.15 10.98 -0.74
CA HIS B 31 28.81 11.38 -1.98
C HIS B 31 28.43 10.47 -3.15
N TYR B 32 28.36 9.16 -2.92
CA TYR B 32 28.10 8.26 -4.04
C TYR B 32 26.71 7.60 -3.95
N ILE B 33 26.06 7.39 -5.10
CA ILE B 33 24.71 6.80 -5.20
C ILE B 33 24.56 5.46 -4.46
N GLY B 34 25.66 4.76 -4.26
CA GLY B 34 25.63 3.52 -3.52
C GLY B 34 25.34 3.78 -2.05
N ASP B 35 25.82 4.93 -1.55
CA ASP B 35 25.57 5.39 -0.17
C ASP B 35 24.06 5.74 0.08
N LEU B 36 23.41 6.31 -0.93
CA LEU B 36 22.02 6.73 -0.85
C LEU B 36 21.09 5.52 -0.66
N VAL B 37 21.13 4.57 -1.60
CA VAL B 37 20.23 3.40 -1.58
C VAL B 37 20.27 2.61 -0.26
N GLN B 38 21.34 2.77 0.51
CA GLN B 38 21.46 2.08 1.79
C GLN B 38 20.76 2.80 2.93
N ARG B 39 20.74 4.13 2.84
CA ARG B 39 20.09 5.03 3.80
C ARG B 39 18.54 4.83 3.87
N THR B 40 17.97 4.96 5.07
CA THR B 40 16.53 4.78 5.26
C THR B 40 15.69 6.05 5.09
N GLU B 41 14.41 5.86 4.77
CA GLU B 41 13.48 6.95 4.48
C GLU B 41 13.31 7.91 5.65
N VAL B 42 13.05 7.34 6.83
CA VAL B 42 12.89 8.07 8.09
C VAL B 42 14.12 8.87 8.55
N GLU B 43 15.28 8.29 8.28
CA GLU B 43 16.59 8.81 8.65
C GLU B 43 16.93 10.09 7.89
N LEU B 44 16.61 10.05 6.60
CA LEU B 44 16.88 11.13 5.69
C LEU B 44 16.07 12.35 6.08
N LEU B 45 14.82 12.10 6.46
CA LEU B 45 13.83 13.13 6.84
C LEU B 45 14.19 13.99 8.07
N LYS B 46 15.05 13.46 8.93
CA LYS B 46 15.43 14.17 10.15
C LYS B 46 16.38 15.32 9.83
N THR B 47 17.13 15.14 8.75
CA THR B 47 18.17 16.06 8.33
C THR B 47 17.60 17.41 7.95
N PRO B 48 18.19 18.46 8.51
CA PRO B 48 17.74 19.85 8.32
C PRO B 48 17.62 20.21 6.86
N ASN B 49 16.56 20.95 6.55
CA ASN B 49 16.30 21.46 5.23
C ASN B 49 15.82 20.38 4.27
N LEU B 50 15.53 19.19 4.79
CA LEU B 50 15.01 18.10 3.95
C LEU B 50 13.61 17.66 4.46
N GLY B 51 12.57 18.00 3.70
CA GLY B 51 11.18 17.73 4.04
C GLY B 51 10.53 16.82 3.04
N LYS B 52 9.21 16.64 3.18
CA LYS B 52 8.47 15.66 2.36
C LYS B 52 8.74 15.73 0.85
N LYS B 53 8.82 16.92 0.29
CA LYS B 53 8.95 17.03 -1.16
C LYS B 53 10.35 16.63 -1.63
N SER B 54 11.39 16.98 -0.87
CA SER B 54 12.76 16.62 -1.24
C SER B 54 12.95 15.11 -1.11
N LEU B 55 12.46 14.56 -0.01
CA LEU B 55 12.48 13.13 0.22
C LEU B 55 11.75 12.42 -0.93
N THR B 56 10.67 13.04 -1.41
CA THR B 56 9.87 12.51 -2.50
C THR B 56 10.62 12.59 -3.85
N GLU B 57 11.38 13.66 -4.06
CA GLU B 57 12.18 13.77 -5.28
C GLU B 57 13.26 12.70 -5.30
N ILE B 58 13.83 12.44 -4.13
CA ILE B 58 14.87 11.44 -3.98
C ILE B 58 14.30 10.06 -4.28
N LYS B 59 13.13 9.76 -3.71
CA LYS B 59 12.50 8.47 -3.98
C LYS B 59 12.09 8.28 -5.45
N ASP B 60 11.81 9.37 -6.17
CA ASP B 60 11.32 9.24 -7.55
C ASP B 60 12.43 9.21 -8.58
N VAL B 61 13.55 9.86 -8.28
CA VAL B 61 14.67 9.84 -9.21
C VAL B 61 15.34 8.49 -9.14
N LEU B 62 15.23 7.82 -7.99
CA LEU B 62 15.72 6.46 -7.85
C LEU B 62 14.77 5.41 -8.49
N ALA B 63 13.46 5.58 -8.32
CA ALA B 63 12.45 4.62 -8.82
C ALA B 63 12.33 4.46 -10.35
N SER B 64 12.41 5.56 -11.09
CA SER B 64 12.40 5.50 -12.56
C SER B 64 13.73 4.93 -13.06
N ARG B 65 14.67 4.75 -12.14
CA ARG B 65 16.01 4.22 -12.42
C ARG B 65 16.29 2.96 -11.61
N GLY B 66 15.26 2.13 -11.45
CA GLY B 66 15.40 0.83 -10.81
C GLY B 66 15.60 0.80 -9.30
N LEU B 67 16.28 1.80 -8.74
CA LEU B 67 16.67 1.78 -7.31
C LEU B 67 15.57 2.20 -6.32
N SER B 68 15.91 2.15 -5.03
CA SER B 68 15.05 2.61 -3.94
C SER B 68 15.86 2.88 -2.66
N LEU B 69 15.17 3.15 -1.54
CA LEU B 69 15.83 3.40 -0.24
C LEU B 69 15.85 2.15 0.66
N GLY B 70 16.61 2.22 1.75
CA GLY B 70 16.67 1.14 2.73
C GLY B 70 17.20 -0.19 2.24
N MET B 71 17.88 -0.15 1.10
CA MET B 71 18.51 -1.32 0.50
C MET B 71 19.63 -1.86 1.42
N ARG B 72 19.88 -3.17 1.37
CA ARG B 72 20.89 -3.80 2.24
C ARG B 72 22.06 -4.32 1.35
N LEU B 73 23.22 -3.69 1.44
CA LEU B 73 24.35 -3.99 0.53
C LEU B 73 25.64 -4.64 1.14
N GLU B 74 26.46 -5.29 0.29
CA GLU B 74 27.76 -5.92 0.63
C GLU B 74 28.96 -5.44 -0.22
N ASN B 75 30.17 -5.70 0.27
CA ASN B 75 31.40 -5.30 -0.42
C ASN B 75 31.51 -3.79 -0.68
N TRP B 76 31.74 -3.06 0.41
CA TRP B 76 31.88 -1.61 0.41
C TRP B 76 33.03 -0.96 1.27
N PRO B 77 34.08 -0.29 0.70
CA PRO B 77 34.68 0.07 -0.61
C PRO B 77 35.34 -1.09 -1.37
P CMP E . -18.26 -5.59 -5.26
O1P CMP E . -18.87 -4.76 -6.37
O2P CMP E . -18.95 -6.86 -4.85
O5' CMP E . -18.33 -4.67 -3.96
C5' CMP E . -17.36 -4.75 -2.90
C4' CMP E . -16.00 -4.92 -3.49
O4' CMP E . -14.97 -5.13 -2.50
C3' CMP E . -15.90 -6.13 -4.37
O3' CMP E . -16.67 -5.96 -5.53
C2' CMP E . -14.38 -6.30 -4.49
O2' CMP E . -13.81 -5.41 -5.44
C1' CMP E . -13.92 -5.88 -3.08
N9 CMP E . -13.65 -7.03 -2.21
C8 CMP E . -14.64 -7.80 -1.69
N7 CMP E . -14.14 -8.78 -0.89
C5 CMP E . -12.80 -8.66 -0.88
C6 CMP E . -11.68 -9.38 -0.23
N6 CMP E . -11.95 -10.45 0.55
N1 CMP E . -10.41 -8.96 -0.45
C2 CMP E . -10.17 -7.89 -1.23
N3 CMP E . -11.14 -7.18 -1.86
C4 CMP E . -12.47 -7.50 -1.74
#